data_5ZB0
#
_entry.id   5ZB0
#
_cell.length_a   46.871
_cell.length_b   47.385
_cell.length_c   151.987
_cell.angle_alpha   90.00
_cell.angle_beta   90.00
_cell.angle_gamma   90.00
#
_symmetry.space_group_name_H-M   'P 21 21 21'
#
loop_
_entity.id
_entity.type
_entity.pdbx_description
1 polymer 'Thymidylate kinase'
2 non-polymer "THYMIDINE-5'-DIPHOSPHATE"
3 non-polymer "ADENOSINE-5'-DIPHOSPHATE"
4 non-polymer 'MAGNESIUM ION'
5 non-polymer 'CHLORIDE ION'
6 water water
#
_entity_poly.entity_id   1
_entity_poly.type   'polypeptide(L)'
_entity_poly.pdbx_seq_one_letter_code
;MPGLFLTLEGLDGSGKTTQARRLAAFLEAQGRPVLLTREPGGGLPEVRSLLLTQELSPEAEYLLFSADRAEHVRKVILPG
LAAGKVVISDRYLDSSLAYQGYGRGLPLPWLREVAREATRGLKPRLTFLLDLPPEAALRRVRRPDRLEGLGLEFFRRVRE
GYLALARAEPGRFVVLDATLPEEEIARAIQAHLRPLLP
;
_entity_poly.pdbx_strand_id   A,B
#
loop_
_chem_comp.id
_chem_comp.type
_chem_comp.name
_chem_comp.formula
ADP non-polymer ADENOSINE-5'-DIPHOSPHATE 'C10 H15 N5 O10 P2'
CL non-polymer 'CHLORIDE ION' 'Cl -1'
MG non-polymer 'MAGNESIUM ION' 'Mg 2'
TYD non-polymer THYMIDINE-5'-DIPHOSPHATE 'C10 H16 N2 O11 P2'
#
# COMPACT_ATOMS: atom_id res chain seq x y z
N PRO A 2 -21.63 15.75 -10.54
CA PRO A 2 -21.42 16.42 -9.26
C PRO A 2 -21.48 15.44 -8.09
N GLY A 3 -22.67 14.94 -7.75
CA GLY A 3 -22.83 13.98 -6.67
C GLY A 3 -22.64 14.58 -5.30
N LEU A 4 -22.73 13.71 -4.30
CA LEU A 4 -22.51 14.09 -2.92
C LEU A 4 -21.85 12.93 -2.21
N PHE A 5 -20.71 13.18 -1.57
CA PHE A 5 -19.93 12.10 -0.94
C PHE A 5 -20.06 12.22 0.59
N LEU A 6 -20.57 11.14 1.20
CA LEU A 6 -20.83 11.11 2.65
C LEU A 6 -20.14 9.89 3.21
N THR A 7 -19.62 9.97 4.44
CA THR A 7 -19.05 8.83 5.09
C THR A 7 -19.55 8.68 6.50
N LEU A 8 -19.47 7.43 6.97
CA LEU A 8 -19.71 7.03 8.35
C LEU A 8 -18.41 6.56 8.96
N GLU A 9 -18.15 6.98 10.19
CA GLU A 9 -16.95 6.66 10.92
C GLU A 9 -17.30 6.37 12.36
N GLY A 10 -16.36 5.71 13.05
CA GLY A 10 -16.51 5.36 14.46
C GLY A 10 -15.89 4.02 14.75
N LEU A 11 -15.74 3.73 16.05
CA LEU A 11 -15.18 2.45 16.47
C LEU A 11 -15.98 1.29 15.94
N ASP A 12 -15.34 0.13 15.95
CA ASP A 12 -16.01 -1.14 15.79
CA ASP A 12 -16.05 -1.13 15.77
C ASP A 12 -17.21 -1.18 16.75
N GLY A 13 -18.40 -1.54 16.25
CA GLY A 13 -19.58 -1.61 17.09
C GLY A 13 -20.29 -0.33 17.39
N SER A 14 -19.96 0.75 16.71
CA SER A 14 -20.53 2.07 16.99
C SER A 14 -21.83 2.36 16.28
N GLY A 15 -22.25 1.48 15.37
CA GLY A 15 -23.49 1.67 14.60
C GLY A 15 -23.32 2.17 13.19
N LYS A 16 -22.08 2.16 12.65
CA LYS A 16 -21.86 2.70 11.32
C LYS A 16 -22.69 2.02 10.26
N THR A 17 -22.65 0.69 10.23
CA THR A 17 -23.35 -0.03 9.18
C THR A 17 -24.84 0.16 9.32
N THR A 18 -25.34 0.12 10.56
CA THR A 18 -26.73 0.38 10.85
C THR A 18 -27.17 1.71 10.24
N GLN A 19 -26.42 2.77 10.52
CA GLN A 19 -26.78 4.08 10.06
C GLN A 19 -26.54 4.31 8.57
N ALA A 20 -25.47 3.72 8.03
CA ALA A 20 -25.20 3.89 6.60
C ALA A 20 -26.35 3.30 5.78
N ARG A 21 -26.82 2.11 6.18
CA ARG A 21 -27.89 1.47 5.46
C ARG A 21 -29.21 2.16 5.64
N ARG A 22 -29.51 2.62 6.85
CA ARG A 22 -30.73 3.41 7.06
C ARG A 22 -30.69 4.66 6.19
N LEU A 23 -29.53 5.31 6.11
CA LEU A 23 -29.42 6.54 5.34
C LEU A 23 -29.61 6.27 3.84
N ALA A 24 -28.99 5.22 3.35
CA ALA A 24 -29.14 4.87 1.92
C ALA A 24 -30.60 4.68 1.58
N ALA A 25 -31.31 3.91 2.42
CA ALA A 25 -32.72 3.67 2.15
C ALA A 25 -33.53 4.94 2.24
N PHE A 26 -33.24 5.78 3.22
CA PHE A 26 -33.94 7.04 3.39
C PHE A 26 -33.82 7.92 2.15
N LEU A 27 -32.58 8.04 1.65
CA LEU A 27 -32.34 8.89 0.49
C LEU A 27 -32.96 8.27 -0.76
N GLU A 28 -32.89 6.96 -0.91
CA GLU A 28 -33.55 6.30 -2.05
C GLU A 28 -35.04 6.51 -2.05
N ALA A 29 -35.64 6.52 -0.87
CA ALA A 29 -37.09 6.73 -0.76
C ALA A 29 -37.48 8.14 -1.15
N GLN A 30 -36.55 9.09 -1.08
CA GLN A 30 -36.78 10.44 -1.60
C GLN A 30 -36.57 10.54 -3.11
N GLY A 31 -36.24 9.43 -3.80
CA GLY A 31 -36.03 9.45 -5.25
C GLY A 31 -34.60 9.78 -5.66
N ARG A 32 -33.68 9.73 -4.71
CA ARG A 32 -32.30 10.09 -5.03
C ARG A 32 -31.52 8.90 -5.45
N PRO A 33 -30.65 9.06 -6.44
CA PRO A 33 -29.76 7.98 -6.78
C PRO A 33 -28.68 7.84 -5.72
N VAL A 34 -28.48 6.62 -5.22
CA VAL A 34 -27.56 6.37 -4.12
C VAL A 34 -26.67 5.20 -4.44
N LEU A 35 -25.43 5.29 -3.99
N LEU A 35 -25.40 5.30 -4.03
CA LEU A 35 -24.48 4.20 -4.04
CA LEU A 35 -24.46 4.19 -4.06
C LEU A 35 -23.90 3.97 -2.66
C LEU A 35 -23.97 4.00 -2.63
N LEU A 36 -24.20 2.83 -2.06
CA LEU A 36 -23.70 2.44 -0.74
C LEU A 36 -22.49 1.55 -0.92
N THR A 37 -21.39 1.89 -0.26
CA THR A 37 -20.16 1.13 -0.36
C THR A 37 -19.48 1.11 1.01
N ARG A 38 -18.29 0.50 1.08
CA ARG A 38 -17.63 0.32 2.36
C ARG A 38 -16.14 0.10 2.18
N GLU A 39 -15.40 0.36 3.25
CA GLU A 39 -14.00 -0.04 3.37
C GLU A 39 -13.79 -0.77 4.67
N PRO A 40 -12.91 -1.77 4.71
CA PRO A 40 -12.15 -2.28 3.59
C PRO A 40 -12.94 -3.25 2.76
N GLY A 41 -12.71 -3.17 1.44
CA GLY A 41 -13.18 -4.18 0.51
C GLY A 41 -13.96 -3.63 -0.66
N GLY A 42 -14.38 -2.37 -0.61
CA GLY A 42 -15.08 -1.77 -1.73
C GLY A 42 -14.26 -1.63 -2.99
N GLY A 43 -12.94 -1.57 -2.83
CA GLY A 43 -12.03 -1.50 -3.94
C GLY A 43 -11.52 -2.85 -4.39
N LEU A 44 -10.89 -3.52 -3.44
CA LEU A 44 -10.26 -4.81 -3.64
CA LEU A 44 -10.23 -4.80 -3.61
C LEU A 44 -10.84 -5.76 -2.60
N PRO A 45 -11.87 -6.55 -2.96
CA PRO A 45 -12.52 -7.39 -1.93
C PRO A 45 -11.52 -8.32 -1.20
N GLU A 46 -10.50 -8.79 -1.93
CA GLU A 46 -9.51 -9.70 -1.35
C GLU A 46 -8.63 -9.06 -0.31
N VAL A 47 -8.67 -7.73 -0.19
CA VAL A 47 -7.92 -7.09 0.87
C VAL A 47 -8.32 -7.56 2.27
N ARG A 48 -9.57 -8.00 2.43
CA ARG A 48 -10.04 -8.43 3.74
C ARG A 48 -9.26 -9.69 4.16
N SER A 49 -8.90 -10.55 3.21
CA SER A 49 -8.06 -11.71 3.48
C SER A 49 -6.67 -11.27 3.91
N LEU A 50 -6.05 -10.37 3.14
CA LEU A 50 -4.73 -9.88 3.44
C LEU A 50 -4.65 -9.23 4.81
N LEU A 51 -5.69 -8.49 5.17
CA LEU A 51 -5.70 -7.74 6.41
C LEU A 51 -5.74 -8.63 7.64
N LEU A 52 -6.13 -9.88 7.48
CA LEU A 52 -6.18 -10.84 8.59
C LEU A 52 -4.84 -11.49 8.87
N THR A 53 -3.84 -11.24 8.04
CA THR A 53 -2.56 -11.88 8.23
C THR A 53 -2.01 -11.66 9.62
N GLN A 54 -1.56 -12.72 10.23
CA GLN A 54 -1.04 -12.60 11.59
CA GLN A 54 -1.04 -12.63 11.59
C GLN A 54 0.22 -11.75 11.65
N GLU A 55 0.34 -10.97 12.72
CA GLU A 55 1.56 -10.21 13.05
C GLU A 55 1.98 -9.18 12.01
N LEU A 56 1.02 -8.64 11.28
CA LEU A 56 1.34 -7.57 10.27
CA LEU A 56 1.29 -7.63 10.29
C LEU A 56 1.91 -6.38 10.94
N SER A 57 2.96 -5.83 10.34
CA SER A 57 3.44 -4.53 10.78
C SER A 57 2.36 -3.49 10.53
N PRO A 58 2.32 -2.44 11.34
CA PRO A 58 1.29 -1.44 11.07
CA PRO A 58 1.35 -1.36 11.10
C PRO A 58 1.50 -0.73 9.72
N GLU A 59 2.74 -0.58 9.28
CA GLU A 59 2.97 0.00 7.94
C GLU A 59 2.35 -0.87 6.85
N ALA A 60 2.57 -2.18 6.92
CA ALA A 60 1.97 -3.07 5.94
C ALA A 60 0.45 -3.00 6.01
N GLU A 61 -0.07 -2.99 7.24
CA GLU A 61 -1.51 -2.90 7.45
C GLU A 61 -2.09 -1.66 6.75
N TYR A 62 -1.48 -0.49 6.98
CA TYR A 62 -1.95 0.71 6.31
C TYR A 62 -1.84 0.63 4.79
N LEU A 63 -0.74 0.09 4.31
CA LEU A 63 -0.55 0.00 2.88
C LEU A 63 -1.62 -0.86 2.22
N LEU A 64 -2.05 -1.93 2.90
CA LEU A 64 -3.16 -2.74 2.41
C LEU A 64 -4.46 -1.94 2.38
N PHE A 65 -4.81 -1.25 3.49
CA PHE A 65 -5.97 -0.41 3.46
C PHE A 65 -5.91 0.60 2.32
N SER A 66 -4.71 1.13 2.08
CA SER A 66 -4.52 2.16 1.06
CA SER A 66 -4.52 2.18 1.08
C SER A 66 -4.68 1.62 -0.34
N ALA A 67 -4.24 0.40 -0.58
CA ALA A 67 -4.41 -0.23 -1.88
C ALA A 67 -5.87 -0.41 -2.22
N ASP A 68 -6.63 -0.92 -1.25
CA ASP A 68 -8.08 -1.01 -1.41
C ASP A 68 -8.70 0.35 -1.66
N ARG A 69 -8.30 1.34 -0.86
CA ARG A 69 -8.86 2.69 -1.00
C ARG A 69 -8.59 3.28 -2.38
N ALA A 70 -7.37 3.06 -2.90
CA ALA A 70 -7.04 3.59 -4.22
C ALA A 70 -7.95 3.01 -5.29
N GLU A 71 -8.18 1.69 -5.25
CA GLU A 71 -9.05 1.08 -6.23
CA GLU A 71 -9.11 1.04 -6.21
C GLU A 71 -10.51 1.53 -6.01
N HIS A 72 -10.89 1.68 -4.75
CA HIS A 72 -12.25 2.08 -4.39
C HIS A 72 -12.59 3.46 -4.93
N VAL A 73 -11.68 4.41 -4.71
CA VAL A 73 -11.90 5.77 -5.16
C VAL A 73 -12.01 5.80 -6.69
N ARG A 74 -11.10 5.13 -7.38
CA ARG A 74 -11.05 5.22 -8.84
CA ARG A 74 -11.03 5.22 -8.83
C ARG A 74 -12.18 4.50 -9.51
N LYS A 75 -12.51 3.32 -9.01
CA LYS A 75 -13.41 2.46 -9.74
C LYS A 75 -14.85 2.50 -9.26
N VAL A 76 -15.06 2.97 -8.05
CA VAL A 76 -16.40 2.96 -7.43
C VAL A 76 -16.86 4.38 -7.10
N ILE A 77 -16.12 5.08 -6.25
CA ILE A 77 -16.62 6.33 -5.72
C ILE A 77 -16.65 7.45 -6.75
N LEU A 78 -15.52 7.72 -7.40
CA LEU A 78 -15.50 8.81 -8.38
C LEU A 78 -16.49 8.58 -9.52
N PRO A 79 -16.59 7.37 -10.05
CA PRO A 79 -17.61 7.17 -11.08
C PRO A 79 -19.05 7.34 -10.58
N GLY A 80 -19.30 6.96 -9.34
CA GLY A 80 -20.64 7.18 -8.78
C GLY A 80 -20.98 8.65 -8.63
N LEU A 81 -20.01 9.42 -8.13
CA LEU A 81 -20.19 10.87 -8.00
C LEU A 81 -20.38 11.52 -9.35
N ALA A 82 -19.62 11.05 -10.33
CA ALA A 82 -19.73 11.61 -11.68
C ALA A 82 -21.10 11.44 -12.29
N ALA A 83 -21.79 10.36 -11.92
CA ALA A 83 -23.16 10.09 -12.37
C ALA A 83 -24.22 10.82 -11.53
N GLY A 84 -23.80 11.64 -10.57
CA GLY A 84 -24.71 12.41 -9.76
C GLY A 84 -25.28 11.69 -8.55
N LYS A 85 -24.69 10.56 -8.20
CA LYS A 85 -25.18 9.80 -7.04
C LYS A 85 -24.73 10.41 -5.72
N VAL A 86 -25.54 10.16 -4.70
CA VAL A 86 -25.06 10.29 -3.34
C VAL A 86 -24.31 8.99 -3.03
N VAL A 87 -23.00 9.10 -2.79
CA VAL A 87 -22.17 7.95 -2.48
C VAL A 87 -21.91 7.97 -0.98
N ILE A 88 -22.32 6.91 -0.32
CA ILE A 88 -22.14 6.74 1.12
C ILE A 88 -21.13 5.64 1.32
N SER A 89 -20.02 5.93 1.99
CA SER A 89 -19.06 4.89 2.36
C SER A 89 -19.09 4.66 3.86
N ASP A 90 -19.29 3.39 4.20
CA ASP A 90 -19.18 2.88 5.57
C ASP A 90 -17.68 2.65 5.79
N ARG A 91 -17.06 3.66 6.38
CA ARG A 91 -15.62 3.86 6.54
C ARG A 91 -14.94 4.43 5.29
N TYR A 92 -14.00 5.30 5.53
CA TYR A 92 -13.16 5.89 4.49
C TYR A 92 -11.82 6.27 5.16
N LEU A 93 -11.09 7.26 4.63
CA LEU A 93 -9.72 7.54 5.04
C LEU A 93 -9.59 7.83 6.54
N ASP A 94 -10.58 8.50 7.11
CA ASP A 94 -10.50 8.81 8.54
C ASP A 94 -10.32 7.55 9.39
N SER A 95 -10.85 6.43 8.93
CA SER A 95 -10.60 5.17 9.64
C SER A 95 -9.12 4.87 9.73
N SER A 96 -8.38 5.04 8.63
CA SER A 96 -6.95 4.81 8.72
C SER A 96 -6.27 5.82 9.62
N LEU A 97 -6.66 7.08 9.55
CA LEU A 97 -6.03 8.06 10.41
C LEU A 97 -6.25 7.72 11.88
N ALA A 98 -7.46 7.32 12.23
CA ALA A 98 -7.77 6.97 13.59
C ALA A 98 -7.12 5.65 14.04
N TYR A 99 -7.27 4.60 13.23
CA TYR A 99 -6.78 3.26 13.61
C TYR A 99 -5.27 3.12 13.41
N GLN A 100 -4.79 3.41 12.21
CA GLN A 100 -3.37 3.26 11.92
C GLN A 100 -2.54 4.44 12.44
N GLY A 101 -3.11 5.63 12.51
CA GLY A 101 -2.39 6.78 13.04
C GLY A 101 -2.44 6.83 14.55
N TYR A 102 -3.60 7.21 15.10
CA TYR A 102 -3.70 7.31 16.54
C TYR A 102 -3.59 5.95 17.23
N GLY A 103 -4.19 4.91 16.66
CA GLY A 103 -4.13 3.60 17.29
C GLY A 103 -2.76 2.96 17.23
N ARG A 104 -2.26 2.76 16.01
CA ARG A 104 -0.98 2.05 15.82
C ARG A 104 0.24 2.95 15.97
N GLY A 105 0.07 4.25 15.90
CA GLY A 105 1.18 5.18 16.07
C GLY A 105 1.89 5.57 14.79
N LEU A 106 1.31 5.31 13.62
CA LEU A 106 1.98 5.72 12.38
C LEU A 106 1.87 7.23 12.19
N PRO A 107 2.87 7.83 11.52
CA PRO A 107 2.88 9.28 11.40
C PRO A 107 1.77 9.80 10.50
N LEU A 108 0.92 10.70 11.02
CA LEU A 108 -0.21 11.22 10.25
C LEU A 108 0.17 11.84 8.91
N PRO A 109 1.25 12.64 8.85
CA PRO A 109 1.57 13.25 7.54
C PRO A 109 1.91 12.18 6.49
N TRP A 110 2.58 11.10 6.89
CA TRP A 110 2.87 10.03 5.93
C TRP A 110 1.59 9.35 5.49
N LEU A 111 0.67 9.09 6.44
CA LEU A 111 -0.62 8.52 6.07
C LEU A 111 -1.29 9.40 5.03
N ARG A 112 -1.26 10.72 5.25
CA ARG A 112 -1.90 11.65 4.31
C ARG A 112 -1.20 11.71 2.95
N GLU A 113 0.12 11.63 2.94
CA GLU A 113 0.85 11.64 1.68
C GLU A 113 0.55 10.40 0.86
N VAL A 114 0.53 9.24 1.50
CA VAL A 114 0.12 8.04 0.80
C VAL A 114 -1.24 8.24 0.19
N ALA A 115 -2.14 8.75 1.04
CA ALA A 115 -3.54 8.86 0.66
C ALA A 115 -3.80 9.82 -0.48
N ARG A 116 -3.02 10.88 -0.56
CA ARG A 116 -3.27 11.95 -1.51
C ARG A 116 -3.36 11.41 -2.95
N GLU A 117 -2.46 10.48 -3.31
CA GLU A 117 -2.53 9.81 -4.64
C GLU A 117 -3.65 8.74 -4.63
N ALA A 118 -3.70 7.99 -3.51
CA ALA A 118 -4.70 6.93 -3.35
C ALA A 118 -6.10 7.48 -3.52
N THR A 119 -6.38 8.61 -2.89
CA THR A 119 -7.73 9.18 -2.93
C THR A 119 -7.87 10.21 -4.06
N ARG A 120 -6.81 10.56 -4.78
CA ARG A 120 -6.87 11.68 -5.75
C ARG A 120 -7.39 12.97 -5.03
N GLY A 121 -7.17 13.06 -3.71
CA GLY A 121 -7.64 14.25 -2.94
C GLY A 121 -9.14 14.26 -2.61
N LEU A 122 -9.87 13.19 -2.93
CA LEU A 122 -11.32 13.20 -2.74
C LEU A 122 -11.65 13.15 -1.25
N LYS A 123 -12.46 14.15 -0.80
CA LYS A 123 -12.87 14.22 0.60
CA LYS A 123 -12.86 14.35 0.61
C LYS A 123 -14.37 14.27 0.68
N PRO A 124 -14.92 13.62 1.69
CA PRO A 124 -16.34 13.68 1.90
C PRO A 124 -16.82 15.10 2.20
N ARG A 125 -18.04 15.41 1.79
CA ARG A 125 -18.67 16.68 2.20
C ARG A 125 -19.01 16.69 3.69
N LEU A 126 -19.55 15.57 4.17
CA LEU A 126 -19.82 15.37 5.60
C LEU A 126 -19.40 13.97 5.95
N THR A 127 -18.94 13.86 7.20
CA THR A 127 -18.54 12.60 7.81
C THR A 127 -19.27 12.53 9.15
N PHE A 128 -20.10 11.50 9.29
CA PHE A 128 -20.85 11.29 10.53
C PHE A 128 -20.05 10.35 11.39
N LEU A 129 -19.53 10.91 12.48
CA LEU A 129 -18.75 10.17 13.46
C LEU A 129 -19.65 9.73 14.58
N LEU A 130 -19.82 8.41 14.71
CA LEU A 130 -20.59 7.84 15.80
C LEU A 130 -19.60 7.61 16.93
N ASP A 131 -19.66 8.46 17.96
CA ASP A 131 -18.71 8.42 19.06
C ASP A 131 -19.15 7.43 20.09
N LEU A 132 -18.40 6.32 20.24
CA LEU A 132 -18.75 5.22 21.13
C LEU A 132 -17.70 5.10 22.22
N PRO A 133 -18.12 4.92 23.48
CA PRO A 133 -17.14 4.62 24.52
C PRO A 133 -16.25 3.42 24.14
N PRO A 134 -14.95 3.50 24.44
CA PRO A 134 -14.04 2.51 23.86
C PRO A 134 -14.29 1.11 24.40
N GLU A 135 -14.75 1.01 25.64
CA GLU A 135 -15.02 -0.32 26.18
C GLU A 135 -16.20 -1.01 25.51
N ALA A 136 -17.03 -0.25 24.79
CA ALA A 136 -18.18 -0.82 24.09
C ALA A 136 -17.76 -1.39 22.73
N ALA A 137 -16.54 -1.13 22.26
CA ALA A 137 -16.09 -1.59 20.95
C ALA A 137 -15.79 -3.06 21.00
N LEU A 147 -7.77 -7.80 12.31
CA LEU A 147 -6.64 -7.08 12.90
C LEU A 147 -6.33 -7.56 14.29
N GLU A 148 -5.07 -7.42 14.68
CA GLU A 148 -4.59 -7.90 15.98
C GLU A 148 -4.42 -6.75 16.94
N GLY A 149 -4.43 -7.06 18.22
CA GLY A 149 -4.21 -6.03 19.27
C GLY A 149 -5.29 -4.99 19.41
N LEU A 150 -6.54 -5.35 19.07
CA LEU A 150 -7.65 -4.42 19.22
C LEU A 150 -8.23 -4.55 20.62
N GLY A 151 -7.42 -4.11 21.57
CA GLY A 151 -7.78 -4.13 22.97
C GLY A 151 -8.23 -2.77 23.46
N LEU A 152 -8.48 -2.67 24.76
CA LEU A 152 -9.00 -1.42 25.32
C LEU A 152 -8.08 -0.23 25.14
N GLU A 153 -6.79 -0.42 25.38
CA GLU A 153 -5.85 0.68 25.25
C GLU A 153 -5.86 1.22 23.82
N PHE A 154 -5.85 0.29 22.87
CA PHE A 154 -5.93 0.66 21.44
C PHE A 154 -7.23 1.42 21.16
N PHE A 155 -8.36 0.89 21.60
CA PHE A 155 -9.62 1.56 21.29
C PHE A 155 -9.74 2.92 21.96
N ARG A 156 -9.15 3.10 23.14
CA ARG A 156 -9.17 4.43 23.73
C ARG A 156 -8.40 5.42 22.85
N ARG A 157 -7.23 5.00 22.35
CA ARG A 157 -6.47 5.87 21.44
C ARG A 157 -7.25 6.18 20.17
N VAL A 158 -7.91 5.17 19.59
CA VAL A 158 -8.68 5.37 18.37
C VAL A 158 -9.86 6.30 18.61
N ARG A 159 -10.58 6.07 19.70
CA ARG A 159 -11.76 6.89 20.01
C ARG A 159 -11.37 8.35 20.14
N GLU A 160 -10.33 8.61 20.92
CA GLU A 160 -9.87 9.97 21.13
C GLU A 160 -9.28 10.55 19.85
N GLY A 161 -8.65 9.69 19.04
CA GLY A 161 -8.13 10.13 17.76
C GLY A 161 -9.21 10.61 16.82
N TYR A 162 -10.30 9.85 16.74
CA TYR A 162 -11.46 10.32 15.97
C TYR A 162 -11.93 11.68 16.44
N LEU A 163 -12.03 11.88 17.76
CA LEU A 163 -12.51 13.14 18.27
C LEU A 163 -11.56 14.28 17.92
N ALA A 164 -10.25 13.99 17.92
CA ALA A 164 -9.24 14.97 17.47
C ALA A 164 -9.42 15.31 16.01
N LEU A 165 -9.63 14.31 15.16
CA LEU A 165 -9.86 14.57 13.74
C LEU A 165 -11.08 15.45 13.57
N ALA A 166 -12.13 15.19 14.36
CA ALA A 166 -13.35 15.97 14.26
C ALA A 166 -13.14 17.42 14.70
N ARG A 167 -12.35 17.64 15.74
CA ARG A 167 -12.04 19.02 16.16
C ARG A 167 -11.24 19.75 15.10
N ALA A 168 -10.38 19.01 14.39
CA ALA A 168 -9.52 19.63 13.40
C ALA A 168 -10.27 20.02 12.12
N GLU A 169 -11.35 19.32 11.79
CA GLU A 169 -12.15 19.59 10.61
C GLU A 169 -13.62 19.67 11.01
N PRO A 170 -13.98 20.74 11.75
CA PRO A 170 -15.27 20.77 12.42
C PRO A 170 -16.43 21.07 11.51
N GLY A 171 -16.16 21.51 10.28
CA GLY A 171 -17.21 21.66 9.29
C GLY A 171 -17.56 20.33 8.65
N ARG A 172 -16.58 19.46 8.42
CA ARG A 172 -16.80 18.19 7.77
C ARG A 172 -17.39 17.16 8.72
N PHE A 173 -16.87 17.11 9.94
CA PHE A 173 -17.32 16.10 10.90
C PHE A 173 -18.58 16.54 11.63
N VAL A 174 -19.51 15.59 11.75
CA VAL A 174 -20.68 15.72 12.60
C VAL A 174 -20.55 14.61 13.63
N VAL A 175 -20.34 15.01 14.88
CA VAL A 175 -20.11 14.04 15.96
C VAL A 175 -21.42 13.75 16.64
N LEU A 176 -21.79 12.48 16.71
CA LEU A 176 -23.04 12.03 17.31
C LEU A 176 -22.75 11.02 18.40
N ASP A 177 -23.57 11.05 19.44
CA ASP A 177 -23.44 10.06 20.53
C ASP A 177 -23.97 8.71 20.08
N ALA A 178 -23.06 7.74 19.88
CA ALA A 178 -23.41 6.44 19.33
C ALA A 178 -24.35 5.64 20.23
N THR A 179 -24.47 6.04 21.50
CA THR A 179 -25.32 5.32 22.43
C THR A 179 -26.77 5.78 22.40
N LEU A 180 -27.09 6.84 21.69
CA LEU A 180 -28.45 7.28 21.51
C LEU A 180 -29.23 6.20 20.75
N PRO A 181 -30.56 6.20 20.86
CA PRO A 181 -31.37 5.26 20.06
C PRO A 181 -31.09 5.43 18.56
N GLU A 182 -31.17 4.31 17.86
CA GLU A 182 -30.87 4.27 16.43
C GLU A 182 -31.68 5.32 15.66
N GLU A 183 -32.97 5.44 15.99
CA GLU A 183 -33.83 6.33 15.23
C GLU A 183 -33.52 7.79 15.50
N GLU A 184 -33.04 8.11 16.70
CA GLU A 184 -32.63 9.48 17.02
C GLU A 184 -31.35 9.87 16.27
N ILE A 185 -30.40 8.96 16.20
CA ILE A 185 -29.20 9.20 15.41
C ILE A 185 -29.58 9.40 13.93
N ALA A 186 -30.45 8.54 13.41
CA ALA A 186 -30.85 8.67 12.02
C ALA A 186 -31.49 10.02 11.75
N ARG A 187 -32.38 10.48 12.63
CA ARG A 187 -32.99 11.77 12.46
C ARG A 187 -31.98 12.90 12.48
N ALA A 188 -30.93 12.77 13.31
CA ALA A 188 -29.88 13.79 13.37
C ALA A 188 -29.07 13.82 12.06
N ILE A 189 -28.75 12.66 11.53
CA ILE A 189 -28.04 12.59 10.24
C ILE A 189 -28.91 13.25 9.16
N GLN A 190 -30.17 12.90 9.13
CA GLN A 190 -31.10 13.45 8.14
C GLN A 190 -31.16 14.97 8.23
N ALA A 191 -31.20 15.50 9.45
CA ALA A 191 -31.30 16.96 9.65
C ALA A 191 -30.07 17.68 9.10
N HIS A 192 -28.89 17.10 9.29
CA HIS A 192 -27.67 17.70 8.72
C HIS A 192 -27.65 17.66 7.21
N LEU A 193 -28.30 16.67 6.62
CA LEU A 193 -28.30 16.57 5.17
C LEU A 193 -29.36 17.38 4.46
N ARG A 194 -30.46 17.69 5.12
CA ARG A 194 -31.57 18.39 4.48
C ARG A 194 -31.13 19.62 3.67
N PRO A 195 -30.26 20.48 4.24
CA PRO A 195 -29.87 21.66 3.44
C PRO A 195 -29.00 21.39 2.21
N LEU A 196 -28.35 20.23 2.18
CA LEU A 196 -27.50 19.81 1.04
C LEU A 196 -28.26 19.03 -0.05
N LEU A 197 -29.45 18.55 0.26
CA LEU A 197 -30.25 17.75 -0.66
C LEU A 197 -31.69 18.26 -0.70
N GLY B 3 25.97 -6.97 8.52
CA GLY B 3 25.43 -7.60 7.28
C GLY B 3 25.76 -6.80 6.04
N LEU B 4 25.31 -7.31 4.89
CA LEU B 4 25.51 -6.66 3.60
C LEU B 4 24.27 -6.95 2.77
N PHE B 5 23.65 -5.90 2.23
CA PHE B 5 22.39 -6.04 1.47
C PHE B 5 22.67 -5.78 -0.01
N LEU B 6 22.34 -6.76 -0.84
CA LEU B 6 22.56 -6.72 -2.29
C LEU B 6 21.26 -7.02 -2.99
N THR B 7 21.03 -6.40 -4.15
CA THR B 7 19.84 -6.73 -4.90
C THR B 7 20.17 -6.98 -6.39
N LEU B 8 19.25 -7.70 -7.04
CA LEU B 8 19.24 -7.98 -8.49
CA LEU B 8 19.29 -7.88 -8.48
C LEU B 8 18.01 -7.30 -9.07
N GLU B 9 18.18 -6.65 -10.22
CA GLU B 9 17.12 -5.98 -10.92
C GLU B 9 17.23 -6.22 -12.41
N GLY B 10 16.13 -5.97 -13.12
CA GLY B 10 16.08 -6.14 -14.57
C GLY B 10 14.73 -6.66 -14.99
N LEU B 11 14.49 -6.61 -16.29
CA LEU B 11 13.28 -7.20 -16.86
C LEU B 11 13.14 -8.67 -16.50
N ASP B 12 11.92 -9.18 -16.50
CA ASP B 12 11.68 -10.63 -16.47
CA ASP B 12 11.79 -10.62 -16.42
C ASP B 12 12.50 -11.25 -17.62
N GLY B 13 13.17 -12.36 -17.35
CA GLY B 13 13.99 -13.01 -18.36
C GLY B 13 15.37 -12.47 -18.51
N SER B 14 15.81 -11.58 -17.61
CA SER B 14 17.12 -11.01 -17.71
C SER B 14 18.20 -11.78 -16.97
N GLY B 15 17.82 -12.82 -16.23
CA GLY B 15 18.74 -13.67 -15.50
C GLY B 15 18.85 -13.43 -14.01
N LYS B 16 17.92 -12.66 -13.42
CA LYS B 16 18.01 -12.31 -12.02
C LYS B 16 18.05 -13.52 -11.09
N THR B 17 17.10 -14.42 -11.24
CA THR B 17 17.02 -15.54 -10.34
C THR B 17 18.27 -16.42 -10.50
N THR B 18 18.72 -16.60 -11.75
CA THR B 18 19.94 -17.33 -12.05
C THR B 18 21.15 -16.70 -11.35
N GLN B 19 21.33 -15.40 -11.52
CA GLN B 19 22.49 -14.75 -10.93
C GLN B 19 22.39 -14.65 -9.41
N ALA B 20 21.19 -14.50 -8.86
CA ALA B 20 21.06 -14.47 -7.42
C ALA B 20 21.49 -15.83 -6.83
N ARG B 21 21.08 -16.91 -7.50
CA ARG B 21 21.49 -18.27 -7.10
C ARG B 21 23.00 -18.44 -7.17
N ARG B 22 23.59 -18.04 -8.29
CA ARG B 22 25.03 -18.15 -8.44
C ARG B 22 25.79 -17.30 -7.43
N LEU B 23 25.27 -16.12 -7.10
CA LEU B 23 25.91 -15.26 -6.13
C LEU B 23 25.86 -15.88 -4.72
N ALA B 24 24.71 -16.40 -4.35
CA ALA B 24 24.62 -17.08 -3.06
C ALA B 24 25.56 -18.28 -3.01
N ALA B 25 25.69 -19.01 -4.12
CA ALA B 25 26.61 -20.16 -4.15
C ALA B 25 28.07 -19.72 -3.98
N PHE B 26 28.44 -18.60 -4.61
CA PHE B 26 29.79 -18.04 -4.49
C PHE B 26 30.07 -17.73 -3.02
N LEU B 27 29.12 -17.05 -2.39
CA LEU B 27 29.29 -16.68 -0.99
C LEU B 27 29.35 -17.88 -0.04
N GLU B 28 28.53 -18.89 -0.32
CA GLU B 28 28.62 -20.15 0.42
C GLU B 28 30.01 -20.79 0.30
N ALA B 29 30.58 -20.76 -0.89
CA ALA B 29 31.90 -21.34 -1.12
C ALA B 29 32.98 -20.59 -0.32
N GLN B 30 32.76 -19.30 -0.05
CA GLN B 30 33.65 -18.49 0.79
C GLN B 30 33.36 -18.58 2.28
N GLY B 31 32.40 -19.43 2.67
CA GLY B 31 32.04 -19.60 4.06
C GLY B 31 31.25 -18.45 4.64
N ARG B 32 30.65 -17.63 3.78
CA ARG B 32 29.94 -16.44 4.26
C ARG B 32 28.46 -16.75 4.40
N PRO B 33 27.90 -16.52 5.60
CA PRO B 33 26.45 -16.67 5.77
C PRO B 33 25.65 -15.80 4.81
N VAL B 34 24.68 -16.42 4.15
CA VAL B 34 23.91 -15.75 3.10
C VAL B 34 22.44 -16.13 3.20
N LEU B 35 21.58 -15.18 2.90
CA LEU B 35 20.15 -15.37 2.81
C LEU B 35 19.68 -14.89 1.45
N LEU B 36 19.02 -15.77 0.70
CA LEU B 36 18.44 -15.42 -0.58
C LEU B 36 16.95 -15.25 -0.43
N THR B 37 16.42 -14.14 -0.95
CA THR B 37 15.01 -13.82 -0.86
C THR B 37 14.57 -13.12 -2.14
N ARG B 38 13.30 -12.78 -2.24
CA ARG B 38 12.76 -12.24 -3.47
C ARG B 38 11.48 -11.43 -3.23
N GLU B 39 11.21 -10.54 -4.17
CA GLU B 39 9.96 -9.84 -4.26
C GLU B 39 9.36 -10.01 -5.64
N PRO B 40 8.03 -10.06 -5.75
CA PRO B 40 7.08 -10.06 -4.66
C PRO B 40 6.97 -11.39 -3.94
N GLY B 41 6.43 -11.35 -2.75
CA GLY B 41 6.07 -12.54 -1.98
C GLY B 41 6.97 -12.82 -0.81
N GLY B 42 8.14 -12.19 -0.71
CA GLY B 42 9.02 -12.43 0.44
C GLY B 42 8.45 -11.94 1.76
N GLY B 43 7.54 -10.96 1.68
CA GLY B 43 6.82 -10.47 2.85
C GLY B 43 5.45 -11.12 3.01
N LEU B 44 4.63 -11.02 1.97
CA LEU B 44 3.26 -11.52 1.91
C LEU B 44 3.08 -12.36 0.67
N PRO B 45 3.25 -13.70 0.81
CA PRO B 45 2.99 -14.57 -0.32
C PRO B 45 1.64 -14.32 -0.98
N GLU B 46 0.63 -13.97 -0.19
CA GLU B 46 -0.68 -13.77 -0.75
C GLU B 46 -0.75 -12.56 -1.70
N VAL B 47 0.10 -11.56 -1.49
CA VAL B 47 0.17 -10.48 -2.44
C VAL B 47 0.64 -10.96 -3.80
N ARG B 48 1.68 -11.81 -3.82
CA ARG B 48 2.19 -12.32 -5.08
C ARG B 48 1.11 -13.09 -5.81
N SER B 49 0.41 -13.98 -5.10
CA SER B 49 -0.57 -14.82 -5.75
C SER B 49 -1.77 -13.98 -6.21
N LEU B 50 -2.14 -12.97 -5.42
CA LEU B 50 -3.23 -12.09 -5.85
C LEU B 50 -2.90 -11.35 -7.13
N LEU B 51 -1.70 -10.76 -7.20
CA LEU B 51 -1.30 -9.99 -8.37
C LEU B 51 -1.07 -10.86 -9.62
N LEU B 52 -0.88 -12.18 -9.42
CA LEU B 52 -0.75 -13.10 -10.54
C LEU B 52 -2.02 -13.05 -11.39
N THR B 53 -3.20 -12.95 -10.74
CA THR B 53 -4.48 -13.04 -11.44
C THR B 53 -5.38 -11.80 -11.36
N GLN B 54 -4.94 -10.72 -10.74
CA GLN B 54 -5.74 -9.48 -10.64
C GLN B 54 -4.95 -8.37 -11.28
N GLU B 55 -5.61 -7.60 -12.15
CA GLU B 55 -5.08 -6.33 -12.63
C GLU B 55 -5.80 -5.15 -11.93
N LEU B 56 -5.00 -4.29 -11.33
CA LEU B 56 -5.48 -3.13 -10.59
C LEU B 56 -4.97 -1.85 -11.18
N SER B 57 -5.48 -0.73 -10.73
CA SER B 57 -4.84 0.58 -10.99
C SER B 57 -3.37 0.55 -10.60
N PRO B 58 -2.54 1.38 -11.22
CA PRO B 58 -1.14 1.38 -10.81
C PRO B 58 -0.92 1.75 -9.36
N GLU B 59 -1.73 2.68 -8.86
CA GLU B 59 -1.60 3.09 -7.47
C GLU B 59 -1.86 1.90 -6.53
N ALA B 60 -2.95 1.20 -6.75
CA ALA B 60 -3.27 0.05 -5.92
C ALA B 60 -2.22 -1.03 -6.03
N GLU B 61 -1.75 -1.26 -7.26
CA GLU B 61 -0.69 -2.23 -7.55
CA GLU B 61 -0.70 -2.30 -7.40
C GLU B 61 0.56 -1.91 -6.67
N TYR B 62 1.01 -0.65 -6.81
CA TYR B 62 2.16 -0.22 -6.05
C TYR B 62 1.97 -0.39 -4.56
N LEU B 63 0.79 -0.03 -4.08
CA LEU B 63 0.55 -0.11 -2.65
C LEU B 63 0.57 -1.56 -2.13
N LEU B 64 0.12 -2.52 -2.95
CA LEU B 64 0.28 -3.92 -2.60
C LEU B 64 1.73 -4.37 -2.61
N PHE B 65 2.49 -4.01 -3.66
CA PHE B 65 3.92 -4.32 -3.66
C PHE B 65 4.59 -3.72 -2.42
N SER B 66 4.14 -2.52 -2.01
CA SER B 66 4.71 -1.83 -0.85
CA SER B 66 4.73 -1.85 -0.88
C SER B 66 4.36 -2.51 0.47
N ALA B 67 3.14 -3.02 0.58
CA ALA B 67 2.75 -3.78 1.77
C ALA B 67 3.60 -5.03 1.93
N ASP B 68 3.75 -5.76 0.82
CA ASP B 68 4.67 -6.92 0.77
C ASP B 68 6.06 -6.52 1.19
N ARG B 69 6.57 -5.44 0.58
CA ARG B 69 7.91 -4.98 0.88
C ARG B 69 8.09 -4.62 2.35
N ALA B 70 7.08 -3.98 2.92
CA ALA B 70 7.14 -3.59 4.35
C ALA B 70 7.31 -4.81 5.25
N GLU B 71 6.57 -5.87 4.95
CA GLU B 71 6.72 -7.10 5.70
C GLU B 71 8.03 -7.78 5.41
N HIS B 72 8.45 -7.74 4.14
CA HIS B 72 9.69 -8.36 3.73
C HIS B 72 10.90 -7.78 4.45
N VAL B 73 10.96 -6.45 4.48
CA VAL B 73 12.04 -5.76 5.15
C VAL B 73 12.08 -6.11 6.64
N ARG B 74 10.93 -6.03 7.30
CA ARG B 74 10.90 -6.22 8.74
C ARG B 74 11.09 -7.63 9.18
N LYS B 75 10.49 -8.59 8.46
CA LYS B 75 10.46 -9.97 8.95
C LYS B 75 11.53 -10.83 8.36
N VAL B 76 12.13 -10.44 7.25
CA VAL B 76 13.10 -11.27 6.53
C VAL B 76 14.45 -10.58 6.40
N ILE B 77 14.46 -9.39 5.76
CA ILE B 77 15.73 -8.79 5.41
C ILE B 77 16.47 -8.22 6.64
N LEU B 78 15.80 -7.35 7.42
CA LEU B 78 16.48 -6.76 8.57
C LEU B 78 16.96 -7.82 9.57
N PRO B 79 16.13 -8.86 9.85
CA PRO B 79 16.65 -9.91 10.75
C PRO B 79 17.84 -10.65 10.20
N GLY B 80 17.89 -10.86 8.88
CA GLY B 80 19.05 -11.49 8.26
C GLY B 80 20.29 -10.63 8.39
N LEU B 81 20.15 -9.34 8.09
CA LEU B 81 21.27 -8.40 8.23
C LEU B 81 21.74 -8.31 9.68
N ALA B 82 20.80 -8.33 10.63
CA ALA B 82 21.14 -8.25 12.04
C ALA B 82 21.98 -9.42 12.52
N ALA B 83 21.81 -10.59 11.89
CA ALA B 83 22.59 -11.77 12.16
C ALA B 83 23.92 -11.78 11.40
N GLY B 84 24.22 -10.73 10.64
CA GLY B 84 25.47 -10.60 9.91
C GLY B 84 25.50 -11.32 8.58
N LYS B 85 24.33 -11.73 8.07
CA LYS B 85 24.28 -12.37 6.77
C LYS B 85 24.40 -11.37 5.63
N VAL B 86 24.90 -11.87 4.51
CA VAL B 86 24.71 -11.18 3.25
C VAL B 86 23.30 -11.55 2.79
N VAL B 87 22.45 -10.54 2.64
CA VAL B 87 21.08 -10.78 2.18
C VAL B 87 20.99 -10.31 0.74
N ILE B 88 20.57 -11.22 -0.12
CA ILE B 88 20.40 -10.95 -1.54
C ILE B 88 18.91 -10.97 -1.82
N SER B 89 18.35 -9.87 -2.32
CA SER B 89 16.96 -9.89 -2.78
C SER B 89 16.91 -9.80 -4.31
N ASP B 90 16.23 -10.79 -4.87
CA ASP B 90 15.86 -10.86 -6.28
C ASP B 90 14.61 -9.99 -6.42
N ARG B 91 14.86 -8.74 -6.85
CA ARG B 91 13.96 -7.57 -6.86
C ARG B 91 13.84 -6.91 -5.50
N TYR B 92 13.74 -5.59 -5.57
CA TYR B 92 13.51 -4.75 -4.40
C TYR B 92 12.82 -3.46 -4.87
N LEU B 93 13.03 -2.35 -4.18
CA LEU B 93 12.29 -1.12 -4.45
C LEU B 93 12.46 -0.62 -5.87
N ASP B 94 13.65 -0.76 -6.44
CA ASP B 94 13.87 -0.30 -7.80
C ASP B 94 12.89 -0.94 -8.79
N SER B 95 12.46 -2.17 -8.52
CA SER B 95 11.45 -2.78 -9.36
C SER B 95 10.16 -1.95 -9.41
N SER B 96 9.71 -1.44 -8.25
CA SER B 96 8.52 -0.61 -8.26
C SER B 96 8.78 0.71 -9.02
N LEU B 97 9.96 1.29 -8.80
CA LEU B 97 10.26 2.54 -9.48
C LEU B 97 10.26 2.38 -10.99
N ALA B 98 10.82 1.26 -11.47
CA ALA B 98 10.90 1.00 -12.91
C ALA B 98 9.53 0.63 -13.48
N TYR B 99 8.82 -0.30 -12.83
CA TYR B 99 7.56 -0.84 -13.36
C TYR B 99 6.39 0.12 -13.10
N GLN B 100 6.14 0.44 -11.83
CA GLN B 100 5.03 1.33 -11.49
C GLN B 100 5.32 2.80 -11.77
N GLY B 101 6.57 3.21 -11.65
CA GLY B 101 6.95 4.58 -11.94
C GLY B 101 7.16 4.82 -13.42
N TYR B 102 8.28 4.38 -13.95
CA TYR B 102 8.54 4.62 -15.38
CA TYR B 102 8.55 4.71 -15.34
C TYR B 102 7.61 3.91 -16.29
N GLY B 103 7.23 2.68 -15.93
CA GLY B 103 6.34 1.89 -16.79
C GLY B 103 4.91 2.43 -16.79
N ARG B 104 4.30 2.50 -15.61
CA ARG B 104 2.89 2.87 -15.56
CA ARG B 104 2.89 2.87 -15.42
C ARG B 104 2.67 4.36 -15.27
N GLY B 105 3.73 5.12 -15.02
CA GLY B 105 3.65 6.57 -14.97
C GLY B 105 3.45 7.20 -13.63
N LEU B 106 3.54 6.44 -12.53
CA LEU B 106 3.40 7.08 -11.22
C LEU B 106 4.61 7.95 -10.93
N PRO B 107 4.39 9.07 -10.21
CA PRO B 107 5.51 9.98 -9.94
C PRO B 107 6.49 9.41 -8.94
N LEU B 108 7.79 9.47 -9.26
CA LEU B 108 8.79 8.91 -8.38
C LEU B 108 8.83 9.54 -7.02
N PRO B 109 8.64 10.88 -6.88
CA PRO B 109 8.73 11.39 -5.53
C PRO B 109 7.69 10.77 -4.59
N TRP B 110 6.46 10.60 -5.08
CA TRP B 110 5.44 9.94 -4.26
C TRP B 110 5.83 8.50 -3.96
N LEU B 111 6.26 7.76 -4.98
CA LEU B 111 6.71 6.40 -4.75
C LEU B 111 7.74 6.35 -3.65
N ARG B 112 8.69 7.27 -3.69
CA ARG B 112 9.75 7.29 -2.70
C ARG B 112 9.28 7.71 -1.31
N GLU B 113 8.29 8.60 -1.22
CA GLU B 113 7.72 8.94 0.09
C GLU B 113 6.98 7.77 0.71
N VAL B 114 6.23 7.02 -0.11
CA VAL B 114 5.58 5.82 0.39
C VAL B 114 6.66 4.87 0.91
N ALA B 115 7.68 4.66 0.10
CA ALA B 115 8.72 3.72 0.41
C ALA B 115 9.51 4.06 1.65
N ARG B 116 9.63 5.34 1.97
CA ARG B 116 10.48 5.77 3.08
CA ARG B 116 10.49 5.76 3.07
C ARG B 116 10.09 5.03 4.37
N GLU B 117 8.79 4.93 4.64
CA GLU B 117 8.33 4.17 5.83
C GLU B 117 8.26 2.62 5.64
N ALA B 118 7.86 2.29 4.39
CA ALA B 118 7.70 0.88 4.05
C ALA B 118 9.03 0.14 4.21
N THR B 119 10.12 0.76 3.74
CA THR B 119 11.44 0.16 3.80
C THR B 119 12.27 0.51 5.03
N ARG B 120 11.76 1.38 5.88
CA ARG B 120 12.57 1.96 6.96
C ARG B 120 13.85 2.59 6.45
N GLY B 121 13.85 3.06 5.21
CA GLY B 121 15.03 3.63 4.58
C GLY B 121 16.11 2.66 4.19
N LEU B 122 15.85 1.36 4.26
CA LEU B 122 16.88 0.36 3.92
C LEU B 122 17.18 0.38 2.43
N LYS B 123 18.44 0.58 2.09
CA LYS B 123 18.85 0.57 0.71
CA LYS B 123 18.92 0.64 0.72
C LYS B 123 19.97 -0.44 0.52
N PRO B 124 20.00 -1.10 -0.65
CA PRO B 124 21.10 -2.01 -0.90
C PRO B 124 22.43 -1.29 -1.08
N ARG B 125 23.50 -1.94 -0.70
CA ARG B 125 24.83 -1.41 -0.95
C ARG B 125 25.19 -1.44 -2.44
N LEU B 126 24.81 -2.52 -3.11
CA LEU B 126 24.99 -2.65 -4.54
C LEU B 126 23.74 -3.27 -5.10
N THR B 127 23.41 -2.86 -6.32
CA THR B 127 22.32 -3.39 -7.09
C THR B 127 22.84 -3.76 -8.46
N PHE B 128 22.69 -5.03 -8.82
CA PHE B 128 23.14 -5.52 -10.13
C PHE B 128 21.97 -5.48 -11.07
N LEU B 129 22.05 -4.61 -12.09
CA LEU B 129 21.01 -4.47 -13.10
C LEU B 129 21.43 -5.26 -14.32
N LEU B 130 20.61 -6.25 -14.67
CA LEU B 130 20.87 -7.12 -15.81
C LEU B 130 20.09 -6.51 -16.96
N ASP B 131 20.82 -5.82 -17.85
CA ASP B 131 20.21 -5.03 -18.91
C ASP B 131 20.17 -5.78 -20.23
N LEU B 132 19.01 -5.72 -20.88
CA LEU B 132 18.84 -6.25 -22.25
C LEU B 132 17.55 -5.65 -22.80
N PRO B 133 17.38 -5.65 -24.12
CA PRO B 133 16.09 -5.22 -24.67
C PRO B 133 14.99 -6.21 -24.40
N PRO B 134 13.71 -5.77 -24.36
CA PRO B 134 12.63 -6.67 -24.09
C PRO B 134 12.59 -7.88 -25.01
N GLU B 135 12.96 -7.68 -26.29
CA GLU B 135 12.94 -8.79 -27.25
C GLU B 135 14.01 -9.85 -27.00
N ALA B 136 14.97 -9.55 -26.15
CA ALA B 136 16.04 -10.49 -25.78
C ALA B 136 15.78 -11.20 -24.47
N ALA B 137 14.72 -10.80 -23.77
CA ALA B 137 14.44 -11.41 -22.47
C ALA B 137 14.15 -12.89 -22.67
N LEU B 138 14.83 -13.75 -21.92
CA LEU B 138 14.74 -15.18 -22.20
C LEU B 138 13.58 -15.87 -21.56
N GLY B 151 2.60 -4.18 -27.42
CA GLY B 151 2.82 -4.52 -26.02
C GLY B 151 4.24 -4.30 -25.55
N LEU B 152 5.21 -4.21 -26.48
CA LEU B 152 6.60 -4.00 -26.12
C LEU B 152 6.87 -2.59 -25.58
N GLU B 153 5.98 -1.61 -25.87
CA GLU B 153 6.20 -0.24 -25.42
C GLU B 153 6.34 -0.12 -23.90
N PHE B 154 5.47 -0.79 -23.15
CA PHE B 154 5.57 -0.81 -21.70
C PHE B 154 6.96 -1.32 -21.28
N PHE B 155 7.38 -2.44 -21.85
CA PHE B 155 8.64 -3.04 -21.44
C PHE B 155 9.82 -2.14 -21.78
N ARG B 156 9.76 -1.43 -22.89
CA ARG B 156 10.80 -0.46 -23.20
C ARG B 156 10.85 0.67 -22.19
N ARG B 157 9.68 1.13 -21.73
CA ARG B 157 9.68 2.16 -20.68
C ARG B 157 10.32 1.63 -19.41
N VAL B 158 10.06 0.38 -19.07
CA VAL B 158 10.68 -0.20 -17.87
C VAL B 158 12.19 -0.33 -18.06
N ARG B 159 12.62 -0.85 -19.21
CA ARG B 159 14.05 -1.02 -19.46
C ARG B 159 14.77 0.32 -19.36
N GLU B 160 14.24 1.31 -20.04
CA GLU B 160 14.82 2.66 -19.98
C GLU B 160 14.75 3.27 -18.61
N GLY B 161 13.69 2.98 -17.87
CA GLY B 161 13.54 3.46 -16.49
C GLY B 161 14.64 2.90 -15.61
N TYR B 162 14.89 1.59 -15.72
CA TYR B 162 15.99 1.02 -14.99
C TYR B 162 17.32 1.72 -15.30
N LEU B 163 17.58 1.95 -16.58
CA LEU B 163 18.82 2.61 -16.97
C LEU B 163 18.89 4.04 -16.43
N ALA B 164 17.74 4.72 -16.35
CA ALA B 164 17.68 6.04 -15.73
C ALA B 164 18.03 5.97 -14.24
N LEU B 165 17.44 5.00 -13.54
CA LEU B 165 17.76 4.83 -12.13
C LEU B 165 19.25 4.58 -11.97
N ALA B 166 19.81 3.74 -12.83
CA ALA B 166 21.22 3.39 -12.70
C ALA B 166 22.14 4.58 -12.94
N ARG B 167 21.82 5.42 -13.92
CA ARG B 167 22.70 6.56 -14.18
C ARG B 167 22.55 7.64 -13.14
N ALA B 168 21.45 7.65 -12.38
CA ALA B 168 21.28 8.57 -11.27
C ALA B 168 22.05 8.15 -10.02
N GLU B 169 22.33 6.85 -9.87
CA GLU B 169 23.05 6.32 -8.73
C GLU B 169 24.16 5.36 -9.16
N PRO B 170 25.18 5.89 -9.82
CA PRO B 170 26.24 5.04 -10.35
C PRO B 170 27.14 4.42 -9.29
N GLY B 171 27.08 4.90 -8.06
CA GLY B 171 27.77 4.25 -6.97
C GLY B 171 27.06 3.04 -6.38
N ARG B 172 25.78 2.88 -6.65
CA ARG B 172 25.01 1.75 -6.17
C ARG B 172 24.78 0.72 -7.28
N PHE B 173 24.47 1.18 -8.47
CA PHE B 173 24.16 0.27 -9.55
C PHE B 173 25.40 -0.20 -10.25
N VAL B 174 25.37 -1.47 -10.63
CA VAL B 174 26.31 -2.08 -11.54
C VAL B 174 25.45 -2.62 -12.68
N VAL B 175 25.67 -2.09 -13.90
CA VAL B 175 24.86 -2.51 -15.04
C VAL B 175 25.66 -3.49 -15.88
N LEU B 176 25.06 -4.65 -16.13
CA LEU B 176 25.70 -5.75 -16.84
C LEU B 176 24.92 -6.12 -18.08
N ASP B 177 25.67 -6.58 -19.09
CA ASP B 177 25.07 -7.07 -20.34
C ASP B 177 24.49 -8.43 -20.10
N ALA B 178 23.16 -8.48 -19.96
CA ALA B 178 22.46 -9.72 -19.61
C ALA B 178 22.55 -10.79 -20.67
N THR B 179 23.00 -10.44 -21.89
CA THR B 179 23.14 -11.42 -23.00
C THR B 179 24.43 -12.19 -22.91
N LEU B 180 25.38 -11.82 -22.07
CA LEU B 180 26.61 -12.59 -21.91
C LEU B 180 26.34 -13.95 -21.33
N PRO B 181 27.29 -14.89 -21.47
CA PRO B 181 27.11 -16.19 -20.81
C PRO B 181 26.98 -16.04 -19.29
N GLU B 182 26.19 -16.94 -18.71
CA GLU B 182 25.95 -16.89 -17.27
C GLU B 182 27.19 -16.80 -16.41
N GLU B 183 28.20 -17.62 -16.71
CA GLU B 183 29.35 -17.68 -15.82
C GLU B 183 30.15 -16.40 -15.90
N GLU B 184 30.13 -15.78 -17.08
CA GLU B 184 30.82 -14.51 -17.24
C GLU B 184 30.16 -13.38 -16.47
N ILE B 185 28.83 -13.32 -16.52
CA ILE B 185 28.07 -12.35 -15.71
C ILE B 185 28.38 -12.59 -14.24
N ALA B 186 28.39 -13.86 -13.81
CA ALA B 186 28.65 -14.15 -12.41
C ALA B 186 30.03 -13.70 -11.99
N ARG B 187 31.02 -13.93 -12.86
CA ARG B 187 32.35 -13.47 -12.54
C ARG B 187 32.43 -11.93 -12.43
N ALA B 188 31.66 -11.23 -13.26
CA ALA B 188 31.63 -9.76 -13.20
C ALA B 188 30.99 -9.30 -11.89
N ILE B 189 29.90 -9.94 -11.47
CA ILE B 189 29.26 -9.64 -10.19
C ILE B 189 30.26 -9.86 -9.04
N GLN B 190 30.96 -10.98 -9.09
CA GLN B 190 31.96 -11.28 -8.06
C GLN B 190 33.07 -10.24 -8.01
N ALA B 191 33.52 -9.80 -9.19
CA ALA B 191 34.60 -8.79 -9.23
C ALA B 191 34.16 -7.48 -8.58
N HIS B 192 32.91 -7.09 -8.84
CA HIS B 192 32.37 -5.85 -8.27
C HIS B 192 32.16 -5.97 -6.76
N LEU B 193 31.83 -7.18 -6.31
CA LEU B 193 31.51 -7.41 -4.92
C LEU B 193 32.74 -7.53 -4.03
N ARG B 194 33.81 -8.13 -4.55
CA ARG B 194 34.96 -8.49 -3.71
C ARG B 194 35.53 -7.38 -2.81
N PRO B 195 35.66 -6.13 -3.32
CA PRO B 195 36.11 -5.03 -2.45
C PRO B 195 35.24 -4.77 -1.20
N LEU B 196 33.97 -5.18 -1.25
CA LEU B 196 33.01 -4.93 -0.18
C LEU B 196 32.92 -6.05 0.86
N LEU B 197 33.61 -7.17 0.63
CA LEU B 197 33.50 -8.34 1.50
C LEU B 197 34.65 -8.37 2.52
PA TYD C . -15.37 -3.01 8.96
O1A TYD C . -15.44 -3.74 7.66
O2A TYD C . -16.07 -1.72 9.06
O3A TYD C . -15.86 -3.94 10.14
PB TYD C . -16.55 -5.45 10.02
O1B TYD C . -17.18 -5.51 11.37
O2B TYD C . -15.48 -6.47 9.75
O3B TYD C . -17.62 -5.46 8.91
O5' TYD C . -13.84 -2.73 9.33
C5' TYD C . -12.89 -3.83 9.44
C4' TYD C . -11.76 -3.50 10.42
O4' TYD C . -10.83 -2.67 9.74
C3' TYD C . -12.20 -2.74 11.65
O3' TYD C . -11.56 -3.28 12.81
C2' TYD C . -11.73 -1.36 11.40
C1' TYD C . -10.48 -1.57 10.60
N1 TYD C . -10.04 -0.49 9.71
C2 TYD C . -8.77 0.05 9.93
O2 TYD C . -8.04 -0.31 10.85
N3 TYD C . -8.39 0.99 9.03
C4 TYD C . -9.08 1.37 7.93
O4 TYD C . -8.57 2.17 7.12
C5 TYD C . -10.37 0.78 7.72
C5M TYD C . -11.19 1.17 6.53
C6 TYD C . -10.81 -0.11 8.65
PB ADP D . -20.42 -0.99 13.20
O1B ADP D . -19.49 -2.09 13.73
O2B ADP D . -19.99 0.38 13.59
O3B ADP D . -20.76 -1.16 11.73
PA ADP D . -23.14 -1.99 13.64
O1A ADP D . -22.78 -3.33 13.10
O2A ADP D . -24.03 -1.12 12.83
O3A ADP D . -21.82 -1.18 14.03
O5' ADP D . -23.83 -2.13 15.06
C5' ADP D . -23.21 -2.91 16.08
C4' ADP D . -24.27 -3.56 16.96
O4' ADP D . -24.90 -2.49 17.71
C3' ADP D . -25.35 -4.34 16.23
O3' ADP D . -25.81 -5.39 17.08
C2' ADP D . -26.44 -3.28 16.12
O2' ADP D . -27.77 -3.77 15.97
C1' ADP D . -26.29 -2.48 17.40
N9 ADP D . -26.69 -1.06 17.32
C8 ADP D . -26.58 -0.24 16.24
N7 ADP D . -26.93 1.01 16.56
C5 ADP D . -27.25 0.97 17.87
C6 ADP D . -27.67 1.97 18.81
N6 ADP D . -27.90 3.21 18.41
N1 ADP D . -27.92 1.59 20.06
C2 ADP D . -27.71 0.31 20.45
N3 ADP D . -27.28 -0.67 19.67
C4 ADP D . -27.05 -0.36 18.39
MG MG E . -14.49 9.28 6.44
MG MG F . -20.08 -2.37 10.24
MG MG G . -9.54 0.19 2.99
MG MG H . -5.09 5.61 2.28
CL CL I . -13.81 21.32 8.14
PA TYD J . 7.10 -12.93 -10.29
O1A TYD J . 6.23 -13.04 -9.05
O2A TYD J . 8.56 -13.36 -10.29
O3A TYD J . 6.32 -13.84 -11.41
PB TYD J . 6.44 -13.98 -13.06
O1B TYD J . 5.27 -14.96 -13.28
O2B TYD J . 6.33 -12.58 -13.68
O3B TYD J . 7.84 -14.56 -13.09
O5' TYD J . 7.05 -11.75 -11.32
C5' TYD J . 7.31 -10.53 -10.75
C4' TYD J . 6.52 -9.52 -11.55
O4' TYD J . 6.21 -8.48 -10.66
C3' TYD J . 7.31 -8.90 -12.67
O3' TYD J . 6.48 -8.76 -13.80
C2' TYD J . 7.68 -7.54 -12.21
C1' TYD J . 6.58 -7.26 -11.24
N1 TYD J . 6.93 -6.33 -10.16
C2 TYD J . 6.44 -5.04 -10.20
O2 TYD J . 5.75 -4.63 -11.15
N3 TYD J . 6.77 -4.23 -9.16
C4 TYD J . 7.46 -4.60 -8.06
O4 TYD J . 7.65 -3.79 -7.13
C5 TYD J . 7.98 -5.96 -8.03
C5M TYD J . 8.78 -6.44 -6.86
C6 TYD J . 7.67 -6.76 -9.11
PB ADP K . 14.62 -13.66 -14.35
O1B ADP K . 14.61 -14.12 -12.93
O2B ADP K . 13.26 -13.76 -15.03
O3B ADP K . 15.24 -12.33 -14.56
PA ADP K . 15.95 -16.18 -14.97
O1A ADP K . 14.72 -16.94 -14.62
O2A ADP K . 17.17 -16.30 -14.12
O3A ADP K . 15.59 -14.65 -15.19
O5' ADP K . 16.49 -16.60 -16.43
C5' ADP K . 15.62 -16.57 -17.56
C4' ADP K . 15.95 -17.73 -18.48
O4' ADP K . 17.25 -17.58 -19.08
C3' ADP K . 16.00 -19.08 -17.79
O3' ADP K . 15.55 -20.12 -18.65
C2' ADP K . 17.47 -19.27 -17.49
O2' ADP K . 17.90 -20.63 -17.43
C1' ADP K . 18.15 -18.67 -18.68
N9 ADP K . 19.37 -17.91 -18.48
C8 ADP K . 19.71 -17.15 -17.41
N7 ADP K . 20.86 -16.49 -17.60
C5 ADP K . 21.23 -16.77 -18.85
C6 ADP K . 22.35 -16.37 -19.68
N6 ADP K . 23.27 -15.49 -19.22
N1 ADP K . 22.43 -16.88 -20.92
C2 ADP K . 21.50 -17.74 -21.40
N3 ADP K . 20.45 -18.20 -20.70
C4 ADP K . 20.27 -17.72 -19.44
MG MG L . 17.01 -3.04 -5.98
MG MG M . 6.90 -6.47 -3.49
MG MG N . 7.67 0.42 -1.55
MG MG O . 13.16 -14.67 -11.64
#